data_2IDR
#
_entry.id   2IDR
#
_cell.length_a   66.337
_cell.length_b   66.337
_cell.length_c   180.853
_cell.angle_alpha   90.000
_cell.angle_beta   90.000
_cell.angle_gamma   120.000
#
_symmetry.space_group_name_H-M   'P 61'
#
loop_
_entity.id
_entity.type
_entity.pdbx_description
1 polymer 'Eukaryotic translation initiation factor 4E-1'
2 water water
#
_entity_poly.entity_id   1
_entity_poly.type   'polypeptide(L)'
_entity_poly.pdbx_seq_one_letter_code
;AHPLENAWTFWFDNPQGKSRQVAWGSTIHPIHTFSTVEDFWGLYNNIHNPSKLNVGADFHCFKNKIEPKWEDPICANGGK
WTISCGRGKSDTFWLHTLLAMIGEQFDFGDEICGAVVSVRQKQERVAIWTKNAANEAAQISIGKQWKEFLDYKDSIGFIV
HEDAKRSDKGPKNRYTV
;
_entity_poly.pdbx_strand_id   A,B
#
# COMPACT_ATOMS: atom_id res chain seq x y z
N ALA A 1 -17.60 -21.22 -21.14
CA ALA A 1 -16.61 -20.17 -21.49
C ALA A 1 -15.29 -20.80 -21.95
N HIS A 2 -14.30 -19.97 -22.22
CA HIS A 2 -12.99 -20.45 -22.67
C HIS A 2 -11.99 -20.38 -21.51
N PRO A 3 -11.73 -21.51 -20.86
CA PRO A 3 -10.80 -21.57 -19.74
C PRO A 3 -9.35 -21.31 -20.10
N LEU A 4 -8.64 -20.65 -19.19
CA LEU A 4 -7.23 -20.36 -19.39
C LEU A 4 -6.46 -21.55 -18.82
N GLU A 5 -5.21 -21.70 -19.23
CA GLU A 5 -4.39 -22.80 -18.75
C GLU A 5 -4.21 -22.71 -17.23
N ASN A 6 -4.01 -21.49 -16.74
CA ASN A 6 -3.82 -21.24 -15.30
C ASN A 6 -4.69 -20.08 -14.83
N ALA A 7 -4.86 -19.99 -13.52
CA ALA A 7 -5.63 -18.89 -12.94
C ALA A 7 -4.66 -17.74 -12.68
N TRP A 8 -5.14 -16.51 -12.85
CA TRP A 8 -4.33 -15.32 -12.64
C TRP A 8 -5.05 -14.38 -11.70
N THR A 9 -4.28 -13.50 -11.08
CA THR A 9 -4.80 -12.53 -10.14
C THR A 9 -4.33 -11.10 -10.40
N PHE A 10 -5.29 -10.21 -10.49
CA PHE A 10 -5.08 -8.78 -10.70
C PHE A 10 -5.25 -8.06 -9.37
N TRP A 11 -4.47 -7.00 -9.16
CA TRP A 11 -4.67 -6.15 -7.99
C TRP A 11 -4.11 -4.79 -8.36
N PHE A 12 -4.75 -3.74 -7.85
CA PHE A 12 -4.33 -2.40 -8.18
C PHE A 12 -3.99 -1.52 -6.99
N ASP A 13 -2.80 -0.93 -7.06
CA ASP A 13 -2.31 -0.04 -6.04
C ASP A 13 -2.44 1.38 -6.56
N ASN A 14 -3.58 2.03 -6.28
CA ASN A 14 -3.82 3.41 -6.71
C ASN A 14 -3.43 4.29 -5.54
N PRO A 15 -2.46 5.19 -5.75
CA PRO A 15 -1.97 6.10 -4.72
C PRO A 15 -3.04 7.05 -4.17
N GLN A 16 -3.73 7.71 -5.09
CA GLN A 16 -4.77 8.67 -4.73
C GLN A 16 -6.09 7.99 -4.44
N GLY A 17 -6.12 6.66 -4.53
CA GLY A 17 -7.35 5.95 -4.27
C GLY A 17 -7.93 6.28 -2.91
N LYS A 18 -9.26 6.44 -2.85
CA LYS A 18 -9.92 6.76 -1.59
C LYS A 18 -10.32 5.48 -0.88
N SER A 19 -10.45 5.57 0.43
CA SER A 19 -10.83 4.41 1.25
C SER A 19 -9.82 3.27 1.17
N ARG A 20 -8.53 3.61 1.20
CA ARG A 20 -7.47 2.59 1.16
C ARG A 20 -7.65 1.67 2.36
N GLN A 21 -7.61 0.37 2.11
CA GLN A 21 -7.78 -0.60 3.18
C GLN A 21 -6.52 -0.75 4.02
N VAL A 22 -6.63 -0.42 5.30
CA VAL A 22 -5.50 -0.52 6.21
C VAL A 22 -5.44 -1.85 6.93
N ALA A 23 -4.25 -2.45 6.97
CA ALA A 23 -4.01 -3.68 7.70
C ALA A 23 -2.76 -3.39 8.51
N TRP A 24 -2.42 -4.26 9.45
CA TRP A 24 -1.24 -4.03 10.28
C TRP A 24 0.01 -3.91 9.41
N GLY A 25 0.58 -2.70 9.35
CA GLY A 25 1.77 -2.48 8.57
C GLY A 25 1.66 -2.67 7.07
N SER A 26 0.44 -2.57 6.53
CA SER A 26 0.27 -2.74 5.09
C SER A 26 -1.02 -2.14 4.55
N THR A 27 -1.10 -2.09 3.23
CA THR A 27 -2.28 -1.61 2.54
C THR A 27 -2.77 -2.80 1.73
N ILE A 28 -4.03 -3.17 1.91
CA ILE A 28 -4.61 -4.30 1.19
C ILE A 28 -5.27 -3.74 -0.07
N HIS A 29 -4.87 -4.24 -1.24
CA HIS A 29 -5.42 -3.74 -2.51
C HIS A 29 -6.55 -4.57 -3.06
N PRO A 30 -7.47 -3.94 -3.82
CA PRO A 30 -8.57 -4.72 -4.39
C PRO A 30 -7.94 -5.77 -5.30
N ILE A 31 -8.27 -7.03 -5.05
CA ILE A 31 -7.72 -8.15 -5.80
C ILE A 31 -8.84 -8.94 -6.50
N HIS A 32 -8.53 -9.44 -7.70
CA HIS A 32 -9.52 -10.16 -8.51
C HIS A 32 -8.87 -11.29 -9.29
N THR A 33 -9.37 -12.51 -9.09
CA THR A 33 -8.84 -13.68 -9.77
C THR A 33 -9.72 -14.06 -10.96
N PHE A 34 -9.11 -14.54 -12.03
CA PHE A 34 -9.86 -14.94 -13.20
C PHE A 34 -9.17 -16.15 -13.80
N SER A 35 -9.94 -17.01 -14.44
CA SER A 35 -9.37 -18.21 -15.04
C SER A 35 -9.98 -18.54 -16.39
N THR A 36 -10.64 -17.56 -17.00
CA THR A 36 -11.24 -17.74 -18.32
C THR A 36 -10.96 -16.48 -19.13
N VAL A 37 -11.03 -16.60 -20.46
CA VAL A 37 -10.81 -15.45 -21.32
C VAL A 37 -11.88 -14.42 -21.05
N GLU A 38 -13.11 -14.90 -20.88
CA GLU A 38 -14.23 -13.99 -20.62
C GLU A 38 -13.99 -13.14 -19.37
N ASP A 39 -13.55 -13.78 -18.30
CA ASP A 39 -13.33 -13.05 -17.06
C ASP A 39 -12.12 -12.11 -17.12
N PHE A 40 -11.14 -12.43 -17.96
CA PHE A 40 -9.99 -11.54 -18.12
C PHE A 40 -10.49 -10.21 -18.71
N TRP A 41 -11.29 -10.29 -19.77
CA TRP A 41 -11.82 -9.09 -20.40
C TRP A 41 -12.77 -8.35 -19.48
N GLY A 42 -13.52 -9.10 -18.68
CA GLY A 42 -14.44 -8.47 -17.75
C GLY A 42 -13.70 -7.55 -16.80
N LEU A 43 -12.47 -7.94 -16.46
CA LEU A 43 -11.66 -7.12 -15.55
C LEU A 43 -10.93 -6.02 -16.33
N TYR A 44 -10.25 -6.39 -17.40
CA TYR A 44 -9.51 -5.42 -18.20
C TYR A 44 -10.42 -4.31 -18.72
N ASN A 45 -11.63 -4.64 -19.15
CA ASN A 45 -12.52 -3.61 -19.68
C ASN A 45 -13.16 -2.76 -18.58
N ASN A 46 -12.96 -3.14 -17.32
CA ASN A 46 -13.52 -2.38 -16.22
C ASN A 46 -12.49 -1.64 -15.36
N ILE A 47 -11.31 -1.45 -15.93
CA ILE A 47 -10.24 -0.72 -15.26
C ILE A 47 -9.60 0.20 -16.30
N HIS A 48 -8.94 1.26 -15.83
CA HIS A 48 -8.29 2.20 -16.73
C HIS A 48 -7.00 1.65 -17.30
N ASN A 49 -6.62 2.13 -18.48
CA ASN A 49 -5.36 1.74 -19.09
C ASN A 49 -4.34 2.66 -18.43
N PRO A 50 -3.05 2.27 -18.46
CA PRO A 50 -1.97 3.06 -17.87
C PRO A 50 -2.02 4.55 -18.20
N SER A 51 -2.37 4.85 -19.44
CA SER A 51 -2.45 6.24 -19.90
C SER A 51 -3.45 7.08 -19.10
N LYS A 52 -4.38 6.43 -18.43
CA LYS A 52 -5.37 7.14 -17.64
C LYS A 52 -5.18 6.97 -16.13
N LEU A 53 -4.04 6.40 -15.74
CA LEU A 53 -3.75 6.23 -14.32
C LEU A 53 -2.93 7.42 -13.84
N ASN A 54 -2.93 7.65 -12.53
CA ASN A 54 -2.18 8.76 -11.95
C ASN A 54 -0.78 8.32 -11.54
N VAL A 55 0.10 9.30 -11.36
CA VAL A 55 1.47 9.01 -10.95
C VAL A 55 1.47 8.25 -9.64
N GLY A 56 2.20 7.14 -9.59
CA GLY A 56 2.27 6.34 -8.39
C GLY A 56 1.42 5.07 -8.45
N ALA A 57 0.59 4.95 -9.48
CA ALA A 57 -0.28 3.79 -9.64
C ALA A 57 0.50 2.58 -10.16
N ASP A 58 0.15 1.41 -9.65
CA ASP A 58 0.77 0.17 -10.07
C ASP A 58 -0.28 -0.89 -10.23
N PHE A 59 -0.32 -1.50 -11.41
CA PHE A 59 -1.26 -2.59 -11.65
C PHE A 59 -0.41 -3.86 -11.71
N HIS A 60 -0.92 -4.94 -11.11
CA HIS A 60 -0.24 -6.23 -11.05
C HIS A 60 -1.13 -7.36 -11.53
N CYS A 61 -0.53 -8.35 -12.20
CA CYS A 61 -1.26 -9.53 -12.66
C CYS A 61 -0.29 -10.70 -12.52
N PHE A 62 -0.54 -11.57 -11.55
CA PHE A 62 0.34 -12.72 -11.28
C PHE A 62 -0.38 -14.06 -11.32
N LYS A 63 0.38 -15.10 -11.64
CA LYS A 63 -0.14 -16.46 -11.71
C LYS A 63 -0.38 -17.03 -10.32
N ASN A 64 -1.60 -17.48 -10.05
CA ASN A 64 -1.95 -18.00 -8.71
C ASN A 64 -1.03 -19.11 -8.22
N LYS A 65 -0.62 -19.97 -9.14
CA LYS A 65 0.25 -21.10 -8.80
C LYS A 65 1.53 -20.68 -8.06
N ILE A 66 2.00 -19.46 -8.28
CA ILE A 66 3.22 -19.04 -7.62
C ILE A 66 3.03 -18.09 -6.44
N GLU A 67 1.80 -18.01 -5.92
CA GLU A 67 1.54 -17.14 -4.78
C GLU A 67 2.46 -17.56 -3.63
N PRO A 68 3.17 -16.60 -3.03
CA PRO A 68 4.09 -16.87 -1.91
C PRO A 68 3.38 -17.05 -0.57
N LYS A 69 4.13 -17.42 0.45
CA LYS A 69 3.57 -17.57 1.80
C LYS A 69 3.30 -16.14 2.28
N TRP A 70 2.23 -15.98 3.06
CA TRP A 70 1.82 -14.66 3.55
C TRP A 70 2.89 -13.59 3.74
N GLU A 71 2.73 -12.49 3.02
CA GLU A 71 3.61 -11.33 3.05
C GLU A 71 5.00 -11.50 2.47
N ASP A 72 5.36 -12.74 2.13
CA ASP A 72 6.68 -12.98 1.56
C ASP A 72 6.72 -12.42 0.14
N PRO A 73 7.93 -12.10 -0.37
CA PRO A 73 8.06 -11.56 -1.72
C PRO A 73 7.67 -12.61 -2.76
N ILE A 74 7.19 -12.16 -3.91
CA ILE A 74 6.77 -13.05 -4.99
C ILE A 74 7.95 -13.53 -5.84
N CYS A 75 8.04 -14.84 -6.05
CA CYS A 75 9.11 -15.43 -6.85
C CYS A 75 10.44 -14.72 -6.52
N ALA A 76 10.84 -14.81 -5.25
CA ALA A 76 12.03 -14.16 -4.73
C ALA A 76 13.36 -14.52 -5.39
N ASN A 77 13.48 -15.77 -5.86
CA ASN A 77 14.74 -16.17 -6.49
C ASN A 77 14.78 -15.80 -7.97
N GLY A 78 13.83 -14.97 -8.40
CA GLY A 78 13.77 -14.56 -9.79
C GLY A 78 14.20 -13.11 -10.00
N GLY A 79 13.52 -12.43 -10.92
CA GLY A 79 13.83 -11.05 -11.20
C GLY A 79 12.80 -10.53 -12.19
N LYS A 80 13.12 -9.46 -12.89
CA LYS A 80 12.18 -8.95 -13.86
C LYS A 80 12.81 -8.26 -15.05
N TRP A 81 12.14 -8.38 -16.18
CA TRP A 81 12.56 -7.73 -17.43
C TRP A 81 11.70 -6.48 -17.46
N THR A 82 12.33 -5.34 -17.71
CA THR A 82 11.62 -4.08 -17.71
C THR A 82 11.78 -3.23 -18.96
N ILE A 83 10.69 -2.56 -19.33
CA ILE A 83 10.70 -1.66 -20.46
C ILE A 83 10.15 -0.34 -19.93
N SER A 84 10.88 0.74 -20.15
CA SER A 84 10.44 2.06 -19.70
C SER A 84 9.90 2.84 -20.88
N CYS A 85 8.68 3.36 -20.73
CA CYS A 85 8.00 4.13 -21.77
C CYS A 85 7.72 5.56 -21.31
N GLY A 86 7.52 6.46 -22.27
CA GLY A 86 7.19 7.82 -21.91
C GLY A 86 5.76 7.81 -21.41
N ARG A 87 5.33 8.88 -20.75
CA ARG A 87 3.98 8.95 -20.23
C ARG A 87 2.93 8.74 -21.32
N GLY A 88 1.95 7.90 -21.03
CA GLY A 88 0.88 7.61 -21.98
C GLY A 88 1.29 6.76 -23.17
N LYS A 89 2.44 6.12 -23.11
CA LYS A 89 2.91 5.29 -24.23
C LYS A 89 3.07 3.81 -23.90
N SER A 90 2.48 3.35 -22.81
CA SER A 90 2.62 1.95 -22.44
C SER A 90 1.38 1.08 -22.59
N ASP A 91 0.26 1.67 -23.03
CA ASP A 91 -0.99 0.90 -23.17
C ASP A 91 -0.89 -0.37 -24.03
N THR A 92 -0.20 -0.27 -25.15
CA THR A 92 -0.08 -1.42 -26.04
C THR A 92 0.77 -2.51 -25.40
N PHE A 93 1.93 -2.10 -24.87
CA PHE A 93 2.83 -3.05 -24.24
C PHE A 93 2.14 -3.77 -23.08
N TRP A 94 1.37 -3.02 -22.29
CA TRP A 94 0.67 -3.61 -21.16
C TRP A 94 -0.31 -4.69 -21.62
N LEU A 95 -1.19 -4.34 -22.57
CA LEU A 95 -2.19 -5.27 -23.09
C LEU A 95 -1.57 -6.50 -23.75
N HIS A 96 -0.59 -6.29 -24.62
CA HIS A 96 0.01 -7.44 -25.30
C HIS A 96 0.71 -8.33 -24.28
N THR A 97 1.39 -7.73 -23.31
CA THR A 97 2.08 -8.51 -22.28
C THR A 97 1.09 -9.39 -21.51
N LEU A 98 -0.04 -8.84 -21.12
CA LEU A 98 -1.05 -9.62 -20.40
C LEU A 98 -1.50 -10.81 -21.25
N LEU A 99 -1.83 -10.54 -22.51
CA LEU A 99 -2.31 -11.58 -23.42
C LEU A 99 -1.28 -12.69 -23.64
N ALA A 100 -0.03 -12.29 -23.84
CA ALA A 100 1.06 -13.24 -24.06
C ALA A 100 1.22 -14.15 -22.84
N MET A 101 1.09 -13.57 -21.64
CA MET A 101 1.21 -14.34 -20.40
C MET A 101 0.07 -15.31 -20.17
N ILE A 102 -1.16 -14.81 -20.10
CA ILE A 102 -2.29 -15.69 -19.84
C ILE A 102 -2.49 -16.69 -20.97
N GLY A 103 -2.01 -16.32 -22.15
CA GLY A 103 -2.12 -17.20 -23.30
C GLY A 103 -1.03 -18.26 -23.33
N GLU A 104 -0.14 -18.22 -22.35
CA GLU A 104 0.97 -19.18 -22.25
C GLU A 104 1.79 -19.23 -23.54
N GLN A 105 2.05 -18.06 -24.11
CA GLN A 105 2.80 -17.98 -25.37
C GLN A 105 4.33 -18.03 -25.31
N PHE A 106 4.89 -17.88 -24.12
CA PHE A 106 6.34 -17.91 -23.97
C PHE A 106 6.92 -19.32 -23.93
N ASP A 107 8.02 -19.53 -24.64
CA ASP A 107 8.67 -20.84 -24.68
C ASP A 107 8.98 -21.36 -23.28
N PHE A 108 9.59 -20.53 -22.44
CA PHE A 108 9.89 -20.97 -21.08
C PHE A 108 8.85 -20.37 -20.14
N GLY A 109 7.59 -20.40 -20.57
CA GLY A 109 6.50 -19.85 -19.81
C GLY A 109 6.36 -20.30 -18.37
N ASP A 110 6.91 -21.48 -18.07
CA ASP A 110 6.86 -22.01 -16.72
C ASP A 110 7.58 -21.10 -15.72
N GLU A 111 8.47 -20.24 -16.22
CA GLU A 111 9.22 -19.35 -15.34
C GLU A 111 8.58 -17.97 -15.20
N ILE A 112 7.50 -17.73 -15.96
CA ILE A 112 6.82 -16.44 -15.90
C ILE A 112 5.93 -16.39 -14.65
N CYS A 113 6.10 -15.37 -13.81
CA CYS A 113 5.30 -15.23 -12.58
C CYS A 113 4.20 -14.18 -12.70
N GLY A 114 4.47 -13.11 -13.44
CA GLY A 114 3.46 -12.07 -13.60
C GLY A 114 3.97 -10.84 -14.32
N ALA A 115 3.13 -9.82 -14.40
CA ALA A 115 3.50 -8.57 -15.06
C ALA A 115 2.97 -7.42 -14.24
N VAL A 116 3.71 -6.33 -14.23
CA VAL A 116 3.35 -5.14 -13.48
C VAL A 116 3.58 -3.89 -14.31
N VAL A 117 2.66 -2.95 -14.27
CA VAL A 117 2.86 -1.70 -14.98
C VAL A 117 2.91 -0.64 -13.88
N SER A 118 3.93 0.20 -13.92
CA SER A 118 4.16 1.23 -12.92
C SER A 118 4.17 2.63 -13.52
N VAL A 119 3.19 3.45 -13.15
CA VAL A 119 3.11 4.80 -13.68
C VAL A 119 3.84 5.76 -12.75
N ARG A 120 4.80 6.48 -13.30
CA ARG A 120 5.57 7.44 -12.50
C ARG A 120 5.47 8.82 -13.12
N GLN A 121 6.15 9.78 -12.51
CA GLN A 121 6.10 11.16 -12.98
C GLN A 121 6.42 11.36 -14.45
N LYS A 122 7.60 10.93 -14.88
CA LYS A 122 8.01 11.12 -16.27
C LYS A 122 8.19 9.82 -17.07
N GLN A 123 7.76 8.70 -16.50
CA GLN A 123 7.89 7.42 -17.19
C GLN A 123 6.92 6.38 -16.65
N GLU A 124 6.65 5.38 -17.49
CA GLU A 124 5.76 4.28 -17.13
C GLU A 124 6.54 3.02 -17.47
N ARG A 125 6.73 2.15 -16.48
CA ARG A 125 7.49 0.93 -16.71
C ARG A 125 6.62 -0.32 -16.69
N VAL A 126 6.83 -1.18 -17.69
CA VAL A 126 6.11 -2.43 -17.75
C VAL A 126 7.17 -3.49 -17.49
N ALA A 127 6.87 -4.43 -16.61
CA ALA A 127 7.83 -5.47 -16.26
C ALA A 127 7.23 -6.85 -16.15
N ILE A 128 7.97 -7.83 -16.64
CA ILE A 128 7.56 -9.22 -16.55
C ILE A 128 8.43 -9.84 -15.47
N TRP A 129 7.78 -10.33 -14.43
CA TRP A 129 8.46 -10.98 -13.31
C TRP A 129 8.59 -12.47 -13.59
N THR A 130 9.79 -13.00 -13.38
CA THR A 130 10.05 -14.42 -13.59
C THR A 130 10.70 -15.00 -12.34
N LYS A 131 10.76 -16.33 -12.27
CA LYS A 131 11.42 -17.01 -11.15
C LYS A 131 12.64 -17.72 -11.70
N ASN A 132 13.47 -18.24 -10.79
CA ASN A 132 14.68 -18.95 -11.18
C ASN A 132 15.60 -18.12 -12.07
N ALA A 133 16.13 -17.03 -11.52
CA ALA A 133 17.01 -16.15 -12.28
C ALA A 133 18.25 -16.90 -12.75
N ALA A 134 18.60 -17.97 -12.05
CA ALA A 134 19.77 -18.79 -12.37
C ALA A 134 19.69 -19.45 -13.74
N ASN A 135 18.47 -19.74 -14.19
CA ASN A 135 18.26 -20.37 -15.49
C ASN A 135 18.49 -19.35 -16.58
N GLU A 136 19.75 -19.15 -16.92
CA GLU A 136 20.15 -18.17 -17.93
C GLU A 136 19.42 -18.34 -19.26
N ALA A 137 19.37 -19.56 -19.77
CA ALA A 137 18.71 -19.83 -21.04
C ALA A 137 17.24 -19.39 -21.01
N ALA A 138 16.55 -19.75 -19.94
CA ALA A 138 15.15 -19.40 -19.79
C ALA A 138 14.93 -17.89 -19.74
N GLN A 139 15.72 -17.20 -18.92
CA GLN A 139 15.58 -15.76 -18.79
C GLN A 139 15.86 -15.04 -20.11
N ILE A 140 16.95 -15.42 -20.77
CA ILE A 140 17.31 -14.79 -22.03
C ILE A 140 16.23 -15.02 -23.08
N SER A 141 15.71 -16.25 -23.12
CA SER A 141 14.68 -16.61 -24.07
C SER A 141 13.43 -15.75 -23.87
N ILE A 142 13.02 -15.61 -22.61
CA ILE A 142 11.84 -14.81 -22.27
C ILE A 142 12.04 -13.35 -22.68
N GLY A 143 13.17 -12.78 -22.32
CA GLY A 143 13.44 -11.39 -22.67
C GLY A 143 13.40 -11.13 -24.16
N LYS A 144 14.07 -11.98 -24.93
CA LYS A 144 14.11 -11.83 -26.38
C LYS A 144 12.73 -11.99 -27.01
N GLN A 145 12.02 -13.03 -26.58
CA GLN A 145 10.70 -13.31 -27.12
C GLN A 145 9.71 -12.19 -26.78
N TRP A 146 9.86 -11.61 -25.59
CA TRP A 146 8.96 -10.52 -25.18
C TRP A 146 9.25 -9.32 -26.07
N LYS A 147 10.53 -9.02 -26.23
CA LYS A 147 10.96 -7.90 -27.06
C LYS A 147 10.44 -8.11 -28.48
N GLU A 148 10.48 -9.34 -28.98
CA GLU A 148 10.01 -9.64 -30.33
C GLU A 148 8.49 -9.48 -30.43
N PHE A 149 7.78 -9.93 -29.40
CA PHE A 149 6.32 -9.83 -29.34
C PHE A 149 5.83 -8.39 -29.47
N LEU A 150 6.47 -7.48 -28.74
CA LEU A 150 6.08 -6.07 -28.73
C LEU A 150 6.74 -5.25 -29.82
N ASP A 151 7.62 -5.88 -30.58
CA ASP A 151 8.34 -5.19 -31.64
C ASP A 151 9.11 -4.03 -31.05
N TYR A 152 9.65 -4.23 -29.85
CA TYR A 152 10.42 -3.20 -29.19
C TYR A 152 11.85 -3.33 -29.72
N LYS A 153 12.43 -2.23 -30.15
CA LYS A 153 13.78 -2.24 -30.71
C LYS A 153 14.90 -2.00 -29.71
N ASP A 154 14.66 -1.15 -28.72
CA ASP A 154 15.66 -0.82 -27.72
C ASP A 154 16.07 -1.99 -26.82
N SER A 155 17.21 -1.84 -26.17
CA SER A 155 17.72 -2.89 -25.30
C SER A 155 16.95 -2.90 -23.97
N ILE A 156 16.69 -4.09 -23.45
CA ILE A 156 15.98 -4.23 -22.18
C ILE A 156 16.84 -5.00 -21.18
N GLY A 157 16.71 -4.68 -19.91
CA GLY A 157 17.51 -5.36 -18.91
C GLY A 157 16.74 -6.22 -17.94
N PHE A 158 17.45 -7.17 -17.34
CA PHE A 158 16.87 -8.07 -16.36
C PHE A 158 17.57 -7.78 -15.03
N ILE A 159 16.78 -7.48 -14.01
CA ILE A 159 17.31 -7.18 -12.68
C ILE A 159 16.87 -8.27 -11.71
N VAL A 160 17.85 -8.88 -11.06
CA VAL A 160 17.58 -9.95 -10.10
C VAL A 160 17.10 -9.33 -8.80
N HIS A 161 16.02 -9.88 -8.25
CA HIS A 161 15.44 -9.36 -7.03
C HIS A 161 16.43 -9.30 -5.87
N GLU A 162 17.19 -10.37 -5.66
CA GLU A 162 18.15 -10.39 -4.56
C GLU A 162 19.16 -9.26 -4.67
N ASP A 163 19.53 -8.89 -5.89
CA ASP A 163 20.50 -7.82 -6.07
C ASP A 163 19.96 -6.47 -5.58
N ALA A 164 18.65 -6.43 -5.29
CA ALA A 164 18.02 -5.22 -4.80
C ALA A 164 18.56 -4.88 -3.41
N LYS A 165 19.11 -5.88 -2.73
CA LYS A 165 19.67 -5.66 -1.40
C LYS A 165 21.02 -4.95 -1.49
N ARG A 166 21.45 -4.65 -2.72
CA ARG A 166 22.72 -3.97 -2.96
C ARG A 166 22.63 -2.45 -2.89
N SER A 167 23.76 -1.79 -3.09
CA SER A 167 23.84 -0.32 -3.05
C SER A 167 23.15 0.34 -4.24
N ASP A 168 23.74 1.43 -4.71
CA ASP A 168 23.18 2.18 -5.84
C ASP A 168 24.09 2.15 -7.07
N LYS A 169 25.40 2.26 -6.83
CA LYS A 169 26.38 2.24 -7.91
C LYS A 169 26.16 1.03 -8.82
N GLY A 170 25.77 1.29 -10.06
CA GLY A 170 25.53 0.21 -11.01
C GLY A 170 26.83 -0.44 -11.43
N PRO A 171 26.83 -1.35 -12.42
CA PRO A 171 25.67 -1.83 -13.18
C PRO A 171 24.63 -2.57 -12.35
N LYS A 172 23.42 -2.64 -12.86
CA LYS A 172 22.33 -3.31 -12.15
C LYS A 172 21.76 -4.49 -12.93
N ASN A 173 21.86 -4.46 -14.25
CA ASN A 173 21.31 -5.54 -15.07
C ASN A 173 22.14 -6.82 -15.09
N ARG A 174 21.48 -7.94 -14.86
CA ARG A 174 22.15 -9.23 -14.89
C ARG A 174 22.30 -9.69 -16.34
N TYR A 175 21.26 -9.42 -17.13
CA TYR A 175 21.21 -9.77 -18.54
C TYR A 175 20.66 -8.58 -19.30
N THR A 176 21.02 -8.51 -20.58
CA THR A 176 20.55 -7.42 -21.43
C THR A 176 20.32 -7.98 -22.83
N VAL A 177 19.15 -7.69 -23.42
CA VAL A 177 18.84 -8.15 -24.77
C VAL A 177 18.15 -7.04 -25.57
N ALA B 1 16.24 2.61 30.72
CA ALA B 1 15.61 3.79 30.08
C ALA B 1 14.23 4.04 30.68
N HIS B 2 13.40 4.81 29.98
CA HIS B 2 12.05 5.10 30.45
C HIS B 2 11.03 4.31 29.65
N PRO B 3 10.63 3.14 30.16
CA PRO B 3 9.66 2.29 29.46
C PRO B 3 8.25 2.85 29.41
N LEU B 4 7.55 2.57 28.31
CA LEU B 4 6.17 3.01 28.15
C LEU B 4 5.28 1.93 28.75
N GLU B 5 4.04 2.29 29.07
CA GLU B 5 3.10 1.34 29.64
C GLU B 5 2.86 0.19 28.67
N ASN B 6 2.80 0.54 27.38
CA ASN B 6 2.56 -0.45 26.33
C ASN B 6 3.48 -0.24 25.14
N ALA B 7 3.62 -1.27 24.31
CA ALA B 7 4.45 -1.17 23.12
C ALA B 7 3.58 -0.61 22.00
N TRP B 8 4.18 0.21 21.14
CA TRP B 8 3.47 0.81 20.03
C TRP B 8 4.24 0.54 18.75
N THR B 9 3.53 0.60 17.63
CA THR B 9 4.12 0.36 16.32
C THR B 9 3.77 1.44 15.32
N PHE B 10 4.82 1.95 14.68
CA PHE B 10 4.75 2.98 13.65
C PHE B 10 4.92 2.33 12.29
N TRP B 11 4.20 2.82 11.28
CA TRP B 11 4.43 2.36 9.91
C TRP B 11 4.02 3.51 9.00
N PHE B 12 4.74 3.66 7.90
CA PHE B 12 4.48 4.76 6.99
C PHE B 12 4.15 4.34 5.57
N ASP B 13 3.01 4.83 5.10
CA ASP B 13 2.54 4.57 3.75
C ASP B 13 2.89 5.79 2.91
N ASN B 14 4.08 5.77 2.31
CA ASN B 14 4.55 6.85 1.47
C ASN B 14 4.24 6.43 0.03
N PRO B 15 3.20 7.04 -0.56
CA PRO B 15 2.77 6.73 -1.93
C PRO B 15 3.85 6.98 -2.98
N GLN B 16 4.57 8.08 -2.83
CA GLN B 16 5.63 8.45 -3.77
C GLN B 16 6.94 7.77 -3.41
N GLY B 17 6.95 7.02 -2.31
CA GLY B 17 8.16 6.33 -1.90
C GLY B 17 8.67 5.38 -2.97
N LYS B 18 9.98 5.29 -3.10
CA LYS B 18 10.58 4.40 -4.08
C LYS B 18 10.84 3.04 -3.44
N SER B 19 10.88 2.00 -4.26
CA SER B 19 11.14 0.65 -3.80
C SER B 19 10.07 0.15 -2.81
N ARG B 20 8.80 0.37 -3.15
CA ARG B 20 7.70 -0.07 -2.29
C ARG B 20 7.74 -1.59 -2.27
N GLN B 21 7.47 -2.19 -1.11
CA GLN B 21 7.50 -3.64 -0.99
C GLN B 21 6.19 -4.29 -1.44
N VAL B 22 6.29 -5.12 -2.47
CA VAL B 22 5.11 -5.81 -3.00
C VAL B 22 4.89 -7.18 -2.35
N ALA B 23 3.65 -7.42 -1.93
CA ALA B 23 3.25 -8.70 -1.37
C ALA B 23 1.99 -9.07 -2.14
N TRP B 24 1.53 -10.30 -2.02
CA TRP B 24 0.35 -10.74 -2.75
C TRP B 24 -0.86 -9.87 -2.40
N GLY B 25 -1.27 -9.04 -3.35
CA GLY B 25 -2.42 -8.17 -3.13
C GLY B 25 -2.26 -7.08 -2.10
N SER B 26 -1.02 -6.72 -1.79
CA SER B 26 -0.81 -5.68 -0.80
C SER B 26 0.56 -5.04 -0.89
N THR B 27 0.73 -3.95 -0.16
CA THR B 27 2.00 -3.25 -0.09
C THR B 27 2.40 -3.32 1.37
N ILE B 28 3.62 -3.78 1.64
CA ILE B 28 4.15 -3.89 3.00
C ILE B 28 4.91 -2.62 3.31
N HIS B 29 4.55 -1.93 4.39
CA HIS B 29 5.20 -0.66 4.73
C HIS B 29 6.28 -0.78 5.79
N PRO B 30 7.24 0.17 5.79
CA PRO B 30 8.31 0.15 6.78
C PRO B 30 7.57 0.20 8.13
N ILE B 31 7.90 -0.72 9.02
CA ILE B 31 7.24 -0.81 10.32
C ILE B 31 8.27 -0.81 11.45
N HIS B 32 7.95 -0.13 12.55
CA HIS B 32 8.87 -0.01 13.68
C HIS B 32 8.17 0.00 15.03
N THR B 33 8.54 -0.92 15.92
CA THR B 33 7.94 -1.01 17.25
C THR B 33 8.83 -0.37 18.31
N PHE B 34 8.23 0.38 19.22
CA PHE B 34 9.00 1.00 20.29
C PHE B 34 8.23 0.83 21.59
N SER B 35 8.96 0.74 22.69
CA SER B 35 8.33 0.56 23.99
C SER B 35 8.97 1.41 25.08
N THR B 36 9.73 2.43 24.67
CA THR B 36 10.36 3.34 25.62
C THR B 36 10.25 4.75 25.08
N VAL B 37 10.38 5.74 25.96
CA VAL B 37 10.31 7.13 25.53
C VAL B 37 11.45 7.40 24.58
N GLU B 38 12.63 6.91 24.94
CA GLU B 38 13.81 7.09 24.11
C GLU B 38 13.59 6.57 22.69
N ASP B 39 13.01 5.38 22.57
CA ASP B 39 12.81 4.82 21.25
C ASP B 39 11.72 5.56 20.47
N PHE B 40 10.74 6.13 21.16
CA PHE B 40 9.72 6.91 20.49
C PHE B 40 10.39 8.11 19.81
N TRP B 41 11.22 8.83 20.54
CA TRP B 41 11.90 10.00 19.98
C TRP B 41 12.88 9.61 18.89
N GLY B 42 13.50 8.44 19.02
CA GLY B 42 14.44 8.00 18.00
C GLY B 42 13.75 7.81 16.66
N LEU B 43 12.48 7.45 16.70
CA LEU B 43 11.69 7.26 15.50
C LEU B 43 11.11 8.59 15.03
N TYR B 44 10.42 9.30 15.94
CA TYR B 44 9.83 10.58 15.59
C TYR B 44 10.85 11.55 15.01
N ASN B 45 12.05 11.58 15.58
CA ASN B 45 13.07 12.51 15.09
C ASN B 45 13.76 12.02 13.81
N ASN B 46 13.43 10.82 13.36
CA ASN B 46 14.05 10.28 12.15
C ASN B 46 13.06 10.22 10.98
N ILE B 47 11.90 10.87 11.15
CA ILE B 47 10.88 10.91 10.11
C ILE B 47 10.38 12.35 9.94
N HIS B 48 9.78 12.64 8.79
CA HIS B 48 9.28 13.97 8.54
C HIS B 48 7.94 14.24 9.23
N ASN B 49 7.68 15.51 9.52
CA ASN B 49 6.42 15.89 10.12
C ASN B 49 5.45 15.98 8.96
N PRO B 50 4.14 15.90 9.24
CA PRO B 50 3.12 15.97 8.20
C PRO B 50 3.31 17.12 7.22
N SER B 51 3.79 18.26 7.71
CA SER B 51 3.99 19.44 6.89
C SER B 51 5.01 19.23 5.76
N LYS B 52 5.85 18.21 5.91
CA LYS B 52 6.84 17.93 4.89
C LYS B 52 6.59 16.62 4.14
N LEU B 53 5.39 16.06 4.32
CA LEU B 53 5.03 14.83 3.64
C LEU B 53 4.30 15.19 2.34
N ASN B 54 4.28 14.27 1.39
CA ASN B 54 3.61 14.53 0.11
C ASN B 54 2.16 14.06 0.17
N VAL B 55 1.36 14.56 -0.77
CA VAL B 55 -0.05 14.19 -0.83
C VAL B 55 -0.18 12.68 -0.99
N GLY B 56 -1.09 12.09 -0.23
CA GLY B 56 -1.29 10.65 -0.29
C GLY B 56 -0.55 9.88 0.79
N ALA B 57 0.27 10.59 1.56
CA ALA B 57 1.04 9.96 2.63
C ALA B 57 0.21 9.77 3.88
N ASP B 58 0.42 8.64 4.55
CA ASP B 58 -0.28 8.35 5.79
C ASP B 58 0.69 7.73 6.77
N PHE B 59 0.71 8.29 7.99
CA PHE B 59 1.54 7.75 9.05
C PHE B 59 0.60 7.12 10.07
N HIS B 60 1.00 5.96 10.57
CA HIS B 60 0.19 5.21 11.54
C HIS B 60 1.00 4.86 12.80
N CYS B 61 0.32 4.85 13.95
CA CYS B 61 0.95 4.49 15.21
C CYS B 61 -0.14 3.81 16.02
N PHE B 62 -0.01 2.49 16.19
CA PHE B 62 -1.00 1.69 16.91
C PHE B 62 -0.40 0.85 18.04
N LYS B 63 -1.24 0.58 19.04
CA LYS B 63 -0.85 -0.20 20.20
C LYS B 63 -0.73 -1.69 19.83
N ASN B 64 0.43 -2.28 20.09
CA ASN B 64 0.67 -3.69 19.76
C ASN B 64 -0.37 -4.65 20.31
N LYS B 65 -0.86 -4.36 21.51
CA LYS B 65 -1.86 -5.22 22.16
C LYS B 65 -3.11 -5.44 21.33
N ILE B 66 -3.45 -4.49 20.46
CA ILE B 66 -4.65 -4.68 19.66
C ILE B 66 -4.44 -5.09 18.20
N GLU B 67 -3.23 -5.56 17.89
CA GLU B 67 -2.93 -6.01 16.54
C GLU B 67 -3.94 -7.08 16.12
N PRO B 68 -4.57 -6.92 14.95
CA PRO B 68 -5.57 -7.86 14.43
C PRO B 68 -4.92 -9.12 13.85
N LYS B 69 -5.76 -10.09 13.52
CA LYS B 69 -5.25 -11.31 12.92
C LYS B 69 -5.04 -11.08 11.43
N TRP B 70 -4.22 -11.93 10.83
CA TRP B 70 -3.94 -11.94 9.40
C TRP B 70 -4.74 -10.95 8.55
N GLU B 71 -4.10 -9.87 8.10
CA GLU B 71 -4.71 -8.84 7.26
C GLU B 71 -6.09 -8.30 7.62
N ASP B 72 -6.61 -8.66 8.78
CA ASP B 72 -7.92 -8.18 9.20
C ASP B 72 -7.84 -6.70 9.58
N PRO B 73 -8.99 -5.98 9.54
CA PRO B 73 -8.98 -4.56 9.91
C PRO B 73 -8.66 -4.41 11.39
N ILE B 74 -8.13 -3.24 11.75
CA ILE B 74 -7.76 -2.95 13.14
C ILE B 74 -8.94 -2.41 13.95
N CYS B 75 -9.16 -3.00 15.14
CA CYS B 75 -10.25 -2.59 16.04
C CYS B 75 -11.52 -2.33 15.22
N ALA B 76 -11.96 -3.36 14.51
CA ALA B 76 -13.12 -3.31 13.62
C ALA B 76 -14.44 -2.88 14.24
N ASN B 77 -14.65 -3.18 15.52
CA ASN B 77 -15.91 -2.81 16.15
C ASN B 77 -15.84 -1.40 16.72
N GLY B 78 -14.77 -0.68 16.37
CA GLY B 78 -14.61 0.68 16.84
C GLY B 78 -14.89 1.73 15.79
N GLY B 79 -14.10 2.79 15.81
CA GLY B 79 -14.25 3.87 14.85
C GLY B 79 -13.14 4.88 15.06
N LYS B 80 -13.32 6.09 14.59
CA LYS B 80 -12.29 7.09 14.80
C LYS B 80 -12.82 8.51 14.90
N TRP B 81 -12.11 9.28 15.72
CA TRP B 81 -12.40 10.71 15.90
C TRP B 81 -11.43 11.37 14.96
N THR B 82 -11.94 12.28 14.13
CA THR B 82 -11.11 12.95 13.14
C THR B 82 -11.13 14.47 13.19
N ILE B 83 -9.97 15.06 12.91
CA ILE B 83 -9.83 16.50 12.85
C ILE B 83 -9.17 16.80 11.52
N SER B 84 -9.77 17.69 10.74
CA SER B 84 -9.22 18.07 9.44
C SER B 84 -8.58 19.45 9.55
N CYS B 85 -7.32 19.54 9.14
CA CYS B 85 -6.54 20.78 9.19
C CYS B 85 -6.14 21.20 7.78
N GLY B 86 -5.80 22.47 7.61
CA GLY B 86 -5.36 22.94 6.32
C GLY B 86 -3.97 22.38 6.09
N ARG B 87 -3.48 22.44 4.86
CA ARG B 87 -2.15 21.91 4.55
C ARG B 87 -1.07 22.57 5.39
N GLY B 88 -0.19 21.75 5.95
CA GLY B 88 0.92 22.24 6.77
C GLY B 88 0.51 22.76 8.13
N LYS B 89 -0.69 22.43 8.60
CA LYS B 89 -1.16 22.91 9.89
C LYS B 89 -1.49 21.81 10.89
N SER B 90 -1.04 20.58 10.65
CA SER B 90 -1.35 19.50 11.55
C SER B 90 -0.18 18.98 12.40
N ASP B 91 1.01 19.57 12.25
CA ASP B 91 2.17 19.11 13.01
C ASP B 91 2.01 19.06 14.52
N THR B 92 1.38 20.09 15.10
CA THR B 92 1.19 20.13 16.54
C THR B 92 0.18 19.07 16.98
N PHE B 93 -0.93 18.98 16.28
CA PHE B 93 -1.95 18.00 16.63
C PHE B 93 -1.40 16.58 16.57
N TRP B 94 -0.58 16.31 15.55
CA TRP B 94 -0.01 14.98 15.39
C TRP B 94 0.90 14.64 16.58
N LEU B 95 1.85 15.52 16.89
CA LEU B 95 2.80 15.31 18.00
C LEU B 95 2.09 15.16 19.34
N HIS B 96 1.20 16.08 19.64
CA HIS B 96 0.51 16.03 20.92
C HIS B 96 -0.34 14.76 21.01
N THR B 97 -1.00 14.40 19.92
CA THR B 97 -1.82 13.19 19.92
C THR B 97 -0.96 11.98 20.24
N LEU B 98 0.21 11.87 19.60
CA LEU B 98 1.08 10.74 19.85
C LEU B 98 1.49 10.65 21.32
N LEU B 99 1.90 11.79 21.89
CA LEU B 99 2.33 11.85 23.28
C LEU B 99 1.22 11.48 24.26
N ALA B 100 0.04 12.03 24.01
CA ALA B 100 -1.12 11.75 24.86
C ALA B 100 -1.44 10.26 24.83
N MET B 101 -1.30 9.65 23.66
CA MET B 101 -1.57 8.21 23.53
C MET B 101 -0.56 7.32 24.23
N ILE B 102 0.71 7.43 23.84
CA ILE B 102 1.73 6.59 24.44
C ILE B 102 1.91 6.91 25.91
N GLY B 103 1.49 8.11 26.31
CA GLY B 103 1.59 8.52 27.69
C GLY B 103 0.40 8.06 28.54
N GLU B 104 -0.51 7.32 27.91
CA GLU B 104 -1.71 6.78 28.58
C GLU B 104 -2.46 7.88 29.34
N GLN B 105 -2.59 9.04 28.70
CA GLN B 105 -3.26 10.19 29.31
C GLN B 105 -4.78 10.26 29.23
N PHE B 106 -5.39 9.41 28.41
CA PHE B 106 -6.84 9.41 28.27
C PHE B 106 -7.57 8.62 29.36
N ASP B 107 -8.66 9.17 29.89
CA ASP B 107 -9.43 8.49 30.92
C ASP B 107 -9.81 7.07 30.51
N PHE B 108 -10.46 6.92 29.36
CA PHE B 108 -10.84 5.60 28.90
C PHE B 108 -9.79 5.09 27.90
N GLY B 109 -8.53 5.35 28.23
CA GLY B 109 -7.42 4.96 27.37
C GLY B 109 -7.40 3.52 26.91
N ASP B 110 -8.06 2.63 27.67
CA ASP B 110 -8.09 1.22 27.28
C ASP B 110 -8.79 1.04 25.94
N GLU B 111 -9.57 2.03 25.52
CA GLU B 111 -10.26 1.93 24.25
C GLU B 111 -9.51 2.57 23.09
N ILE B 112 -8.38 3.21 23.38
CA ILE B 112 -7.57 3.84 22.33
C ILE B 112 -6.76 2.77 21.60
N CYS B 113 -6.87 2.73 20.27
CA CYS B 113 -6.14 1.75 19.46
C CYS B 113 -4.93 2.35 18.74
N GLY B 114 -5.06 3.59 18.30
CA GLY B 114 -3.96 4.25 17.61
C GLY B 114 -4.32 5.58 17.01
N ALA B 115 -3.38 6.16 16.27
CA ALA B 115 -3.59 7.45 15.62
C ALA B 115 -3.01 7.40 14.23
N VAL B 116 -3.64 8.12 13.32
CA VAL B 116 -3.22 8.19 11.94
C VAL B 116 -3.28 9.62 11.42
N VAL B 117 -2.27 10.03 10.68
CA VAL B 117 -2.32 11.35 10.07
C VAL B 117 -2.29 11.07 8.58
N SER B 118 -3.22 11.69 7.85
CA SER B 118 -3.34 11.49 6.41
C SER B 118 -3.19 12.80 5.65
N VAL B 119 -2.16 12.90 4.82
CA VAL B 119 -1.93 14.11 4.04
C VAL B 119 -2.62 13.99 2.69
N ARG B 120 -3.49 14.95 2.39
CA ARG B 120 -4.22 14.94 1.13
C ARG B 120 -3.95 16.23 0.37
N GLN B 121 -4.60 16.39 -0.78
CA GLN B 121 -4.39 17.56 -1.61
C GLN B 121 -4.65 18.90 -0.91
N LYS B 122 -5.85 19.10 -0.39
CA LYS B 122 -6.17 20.37 0.27
C LYS B 122 -6.41 20.27 1.77
N GLN B 123 -6.17 19.09 2.35
CA GLN B 123 -6.38 18.92 3.78
C GLN B 123 -5.49 17.83 4.36
N GLU B 124 -5.30 17.89 5.67
CA GLU B 124 -4.49 16.91 6.39
C GLU B 124 -5.35 16.49 7.57
N ARG B 125 -5.64 15.20 7.68
CA ARG B 125 -6.49 14.71 8.75
C ARG B 125 -5.74 13.90 9.80
N VAL B 126 -6.03 14.20 11.06
CA VAL B 126 -5.43 13.46 12.17
C VAL B 126 -6.61 12.74 12.82
N ALA B 127 -6.46 11.45 13.06
CA ALA B 127 -7.56 10.68 13.66
C ALA B 127 -7.08 9.71 14.73
N ILE B 128 -7.88 9.60 15.78
CA ILE B 128 -7.59 8.68 16.85
C ILE B 128 -8.57 7.52 16.66
N TRP B 129 -8.01 6.32 16.50
CA TRP B 129 -8.79 5.12 16.31
C TRP B 129 -9.05 4.49 17.67
N THR B 130 -10.30 4.10 17.90
CA THR B 130 -10.71 3.48 19.15
C THR B 130 -11.46 2.19 18.86
N LYS B 131 -11.65 1.37 19.89
CA LYS B 131 -12.40 0.13 19.76
C LYS B 131 -13.68 0.28 20.58
N ASN B 132 -14.60 -0.67 20.43
CA ASN B 132 -15.87 -0.66 21.15
C ASN B 132 -16.65 0.65 20.97
N ALA B 133 -17.10 0.90 19.74
CA ALA B 133 -17.85 2.12 19.46
C ALA B 133 -19.17 2.19 20.24
N ALA B 134 -19.62 1.02 20.70
CA ALA B 134 -20.86 0.91 21.46
C ALA B 134 -20.80 1.61 22.82
N ASN B 135 -19.60 1.67 23.38
CA ASN B 135 -19.39 2.32 24.67
C ASN B 135 -19.45 3.83 24.46
N GLU B 136 -20.67 4.36 24.45
CA GLU B 136 -20.91 5.78 24.25
C GLU B 136 -20.14 6.68 25.22
N ALA B 137 -20.19 6.34 26.50
CA ALA B 137 -19.48 7.13 27.52
C ALA B 137 -17.99 7.22 27.22
N ALA B 138 -17.39 6.07 26.87
CA ALA B 138 -15.97 6.04 26.57
C ALA B 138 -15.62 6.86 25.33
N GLN B 139 -16.35 6.65 24.24
CA GLN B 139 -16.08 7.39 23.00
C GLN B 139 -16.24 8.89 23.19
N ILE B 140 -17.31 9.31 23.86
CA ILE B 140 -17.55 10.72 24.08
C ILE B 140 -16.44 11.32 24.93
N SER B 141 -16.08 10.62 25.99
CA SER B 141 -15.02 11.08 26.89
C SER B 141 -13.71 11.30 26.13
N ILE B 142 -13.36 10.34 25.28
CA ILE B 142 -12.13 10.42 24.49
C ILE B 142 -12.17 11.60 23.54
N GLY B 143 -13.27 11.74 22.81
CA GLY B 143 -13.39 12.85 21.88
C GLY B 143 -13.26 14.20 22.56
N LYS B 144 -13.94 14.37 23.69
CA LYS B 144 -13.89 15.63 24.42
C LYS B 144 -12.53 15.92 25.03
N GLN B 145 -11.91 14.90 25.60
CA GLN B 145 -10.62 15.06 26.23
C GLN B 145 -9.56 15.37 25.17
N TRP B 146 -9.69 14.76 23.99
CA TRP B 146 -8.75 15.00 22.91
C TRP B 146 -8.83 16.47 22.49
N LYS B 147 -10.06 16.95 22.27
CA LYS B 147 -10.28 18.34 21.88
C LYS B 147 -9.67 19.29 22.91
N GLU B 148 -9.88 18.98 24.18
CA GLU B 148 -9.34 19.79 25.26
C GLU B 148 -7.82 19.79 25.24
N PHE B 149 -7.24 18.61 25.04
CA PHE B 149 -5.78 18.46 24.97
C PHE B 149 -5.17 19.37 23.90
N LEU B 150 -5.78 19.37 22.72
CA LEU B 150 -5.30 20.15 21.58
C LEU B 150 -5.80 21.57 21.55
N ASP B 151 -6.74 21.90 22.44
CA ASP B 151 -7.32 23.23 22.48
C ASP B 151 -7.99 23.53 21.16
N TYR B 152 -8.63 22.51 20.60
CA TYR B 152 -9.33 22.65 19.33
C TYR B 152 -10.75 23.10 19.65
N LYS B 153 -11.19 24.18 19.00
CA LYS B 153 -12.51 24.73 19.24
C LYS B 153 -13.62 24.08 18.41
N ASP B 154 -13.40 23.95 17.11
CA ASP B 154 -14.38 23.36 16.21
C ASP B 154 -14.85 21.97 16.66
N SER B 155 -16.06 21.61 16.27
CA SER B 155 -16.59 20.30 16.65
C SER B 155 -15.92 19.21 15.82
N ILE B 156 -15.78 18.04 16.42
CA ILE B 156 -15.16 16.89 15.74
C ILE B 156 -16.16 15.74 15.71
N GLY B 157 -16.04 14.88 14.72
CA GLY B 157 -16.96 13.77 14.63
C GLY B 157 -16.34 12.41 14.78
N PHE B 158 -17.18 11.46 15.18
CA PHE B 158 -16.76 10.08 15.35
C PHE B 158 -17.48 9.26 14.29
N ILE B 159 -16.73 8.53 13.48
CA ILE B 159 -17.29 7.69 12.43
C ILE B 159 -17.00 6.23 12.75
N VAL B 160 -18.06 5.43 12.84
CA VAL B 160 -17.96 4.02 13.13
C VAL B 160 -17.48 3.26 11.89
N HIS B 161 -16.44 2.42 12.07
CA HIS B 161 -15.89 1.69 10.95
C HIS B 161 -16.93 0.90 10.17
N GLU B 162 -17.79 0.17 10.88
CA GLU B 162 -18.82 -0.62 10.22
C GLU B 162 -19.72 0.21 9.31
N ASP B 163 -20.00 1.46 9.70
CA ASP B 163 -20.85 2.31 8.89
C ASP B 163 -20.20 2.63 7.53
N ALA B 164 -18.92 2.32 7.40
CA ALA B 164 -18.19 2.57 6.15
C ALA B 164 -18.73 1.67 5.04
N LYS B 165 -19.31 0.53 5.42
CA LYS B 165 -19.87 -0.39 4.44
C LYS B 165 -21.14 0.18 3.82
N ARG B 166 -21.62 1.29 4.37
CA ARG B 166 -22.84 1.94 3.90
C ARG B 166 -22.61 2.86 2.70
N SER B 167 -23.70 3.25 2.06
CA SER B 167 -23.66 4.13 0.89
C SER B 167 -23.03 5.48 1.19
N ASP B 168 -22.81 6.27 0.14
CA ASP B 168 -22.20 7.59 0.28
C ASP B 168 -23.24 8.63 0.67
N LYS B 169 -24.09 8.29 1.63
CA LYS B 169 -25.13 9.20 2.10
C LYS B 169 -24.81 9.70 3.51
N GLY B 170 -25.23 10.94 3.81
CA GLY B 170 -24.99 11.50 5.12
C GLY B 170 -26.31 11.61 5.88
N PRO B 171 -26.27 11.85 7.20
CA PRO B 171 -25.10 12.06 8.06
C PRO B 171 -24.18 10.85 8.17
N LYS B 172 -22.97 11.09 8.66
CA LYS B 172 -21.97 10.04 8.82
C LYS B 172 -21.54 9.84 10.25
N ASN B 173 -21.44 10.95 11.01
CA ASN B 173 -20.99 10.88 12.39
C ASN B 173 -21.95 10.23 13.39
N ARG B 174 -21.41 9.30 14.19
CA ARG B 174 -22.18 8.61 15.21
C ARG B 174 -22.30 9.56 16.41
N TYR B 175 -21.21 10.26 16.70
CA TYR B 175 -21.15 11.22 17.80
C TYR B 175 -20.44 12.48 17.33
N THR B 176 -20.68 13.58 18.02
CA THR B 176 -20.06 14.85 17.71
C THR B 176 -19.78 15.59 19.01
N VAL B 177 -18.59 16.16 19.15
CA VAL B 177 -18.25 16.92 20.35
C VAL B 177 -17.48 18.18 19.98
#